data_1MEN
#
_entry.id   1MEN
#
_cell.length_a   147.825
_cell.length_b   147.825
_cell.length_c   188.036
_cell.angle_alpha   90.00
_cell.angle_beta   90.00
_cell.angle_gamma   120.00
#
_symmetry.space_group_name_H-M   'H 3 2'
#
loop_
_entity.id
_entity.type
_entity.pdbx_description
1 polymer 'Phosphoribosylglycinamide formyltransferase'
2 non-polymer 'GLYCINAMIDE RIBONUCLEOTIDE'
3 water water
#
_entity_poly.entity_id   1
_entity_poly.type   'polypeptide(L)'
_entity_poly.pdbx_seq_one_letter_code
;ASMTGGQQMGRILVAVLISGTGSNLQALIDSTREPNSSAQIDIVISNKAAVAGLDKAERAGIPTRVINHKLYKNRVEFDS
AIDLVLEEFSIDIVCLAGFMRILSGPFVQKWNGKMLNIHPSLLPSFKGSNAHEQALETGVTVTGCTVHFVAEDVDAGQII
LQEAVPVKRGDTVATLSERVKLAEHKIFPAALQLVASGTVQLGENGKICWVKEEPLEHHHHHH
;
_entity_poly.pdbx_strand_id   A,B,C
#
# COMPACT_ATOMS: atom_id res chain seq x y z
N ARG A 11 -17.85 25.43 21.41
CA ARG A 11 -16.95 24.55 20.60
C ARG A 11 -17.78 23.38 20.05
N ILE A 12 -17.79 23.23 18.73
CA ILE A 12 -18.56 22.16 18.08
C ILE A 12 -17.84 20.82 18.19
N LEU A 13 -18.52 19.81 18.71
CA LEU A 13 -17.92 18.48 18.87
C LEU A 13 -17.94 17.65 17.58
N VAL A 14 -16.76 17.21 17.17
CA VAL A 14 -16.61 16.44 15.94
C VAL A 14 -16.17 14.99 16.10
N ALA A 15 -16.73 14.11 15.26
CA ALA A 15 -16.33 12.70 15.24
C ALA A 15 -15.79 12.47 13.82
N VAL A 16 -14.63 11.83 13.73
CA VAL A 16 -14.01 11.55 12.44
C VAL A 16 -14.04 10.05 12.24
N LEU A 17 -14.66 9.60 11.14
CA LEU A 17 -14.72 8.18 10.87
C LEU A 17 -13.60 7.88 9.87
N ILE A 18 -12.85 6.81 10.12
CA ILE A 18 -11.73 6.45 9.26
C ILE A 18 -11.73 4.96 8.98
N SER A 19 -10.92 4.54 8.01
CA SER A 19 -10.76 3.12 7.67
C SER A 19 -9.26 2.82 7.50
N GLY A 20 -8.42 3.84 7.45
CA GLY A 20 -7.01 3.53 7.25
C GLY A 20 -5.95 4.44 7.85
N THR A 21 -5.05 4.90 6.99
CA THR A 21 -3.92 5.76 7.37
C THR A 21 -4.20 6.96 8.28
N GLY A 22 -5.15 7.80 7.92
CA GLY A 22 -5.48 8.93 8.79
C GLY A 22 -4.78 10.26 8.54
N SER A 23 -4.19 10.43 7.36
CA SER A 23 -3.52 11.70 7.07
C SER A 23 -4.54 12.82 7.16
N ASN A 24 -5.75 12.58 6.63
CA ASN A 24 -6.79 13.62 6.68
C ASN A 24 -7.21 13.84 8.14
N LEU A 25 -7.29 12.76 8.90
CA LEU A 25 -7.63 12.85 10.31
C LEU A 25 -6.59 13.75 10.99
N GLN A 26 -5.32 13.51 10.68
CA GLN A 26 -4.24 14.29 11.27
C GLN A 26 -4.42 15.78 10.98
N ALA A 27 -4.62 16.10 9.70
CA ALA A 27 -4.78 17.50 9.31
C ALA A 27 -5.94 18.16 10.07
N LEU A 28 -7.00 17.40 10.33
CA LEU A 28 -8.16 17.94 11.03
C LEU A 28 -7.81 18.14 12.50
N ILE A 29 -7.01 17.24 13.06
CA ILE A 29 -6.59 17.35 14.44
C ILE A 29 -5.80 18.67 14.59
N ASP A 30 -4.82 18.86 13.70
CA ASP A 30 -3.99 20.06 13.75
C ASP A 30 -4.80 21.34 13.64
N SER A 31 -5.70 21.40 12.65
CA SER A 31 -6.51 22.60 12.45
C SER A 31 -7.48 22.85 13.60
N THR A 32 -7.91 21.77 14.26
CA THR A 32 -8.84 21.88 15.38
C THR A 32 -8.08 22.31 16.63
N ARG A 33 -6.78 22.04 16.64
CA ARG A 33 -5.93 22.40 17.76
C ARG A 33 -5.40 23.81 17.56
N GLU A 34 -5.92 24.48 16.53
CA GLU A 34 -5.52 25.85 16.21
C GLU A 34 -6.30 26.80 17.12
N PRO A 35 -5.70 27.95 17.48
CA PRO A 35 -6.32 28.93 18.35
C PRO A 35 -7.77 29.31 18.07
N ASN A 36 -8.09 29.68 16.84
CA ASN A 36 -9.45 30.10 16.51
C ASN A 36 -10.45 29.04 16.03
N SER A 37 -10.10 27.76 16.10
CA SER A 37 -11.00 26.72 15.63
C SER A 37 -12.35 26.76 16.35
N SER A 38 -13.42 26.44 15.62
CA SER A 38 -14.76 26.42 16.20
C SER A 38 -15.17 24.99 16.58
N ALA A 39 -14.27 24.04 16.34
CA ALA A 39 -14.56 22.65 16.63
C ALA A 39 -13.42 21.90 17.30
N GLN A 40 -13.76 20.80 17.96
CA GLN A 40 -12.77 19.94 18.60
C GLN A 40 -13.17 18.50 18.30
N ILE A 41 -12.19 17.64 18.12
CA ILE A 41 -12.45 16.25 17.81
C ILE A 41 -12.58 15.47 19.12
N ASP A 42 -13.77 14.94 19.38
CA ASP A 42 -14.03 14.20 20.61
C ASP A 42 -14.03 12.69 20.51
N ILE A 43 -13.91 12.15 19.31
CA ILE A 43 -13.88 10.69 19.15
C ILE A 43 -13.51 10.32 17.74
N VAL A 44 -12.83 9.21 17.59
CA VAL A 44 -12.46 8.74 16.28
C VAL A 44 -12.92 7.30 16.21
N ILE A 45 -13.63 6.99 15.14
CA ILE A 45 -14.17 5.65 14.95
C ILE A 45 -13.60 5.03 13.69
N SER A 46 -13.17 3.78 13.79
CA SER A 46 -12.64 3.09 12.63
C SER A 46 -13.41 1.78 12.45
N ASN A 47 -13.71 1.42 11.21
CA ASN A 47 -14.43 0.17 11.00
C ASN A 47 -13.42 -0.95 10.87
N LYS A 48 -12.14 -0.60 10.91
CA LYS A 48 -11.03 -1.56 10.81
C LYS A 48 -10.07 -1.36 11.99
N ALA A 49 -9.72 -2.46 12.64
CA ALA A 49 -8.78 -2.37 13.77
C ALA A 49 -7.35 -2.38 13.26
N ALA A 50 -6.46 -1.80 14.05
CA ALA A 50 -5.02 -1.77 13.73
C ALA A 50 -4.56 -0.83 12.63
N VAL A 51 -5.39 0.14 12.24
CA VAL A 51 -4.96 1.08 11.20
C VAL A 51 -4.21 2.24 11.84
N ALA A 52 -3.27 2.83 11.11
CA ALA A 52 -2.44 3.92 11.60
C ALA A 52 -3.23 5.14 12.12
N GLY A 53 -4.35 5.43 11.49
CA GLY A 53 -5.14 6.56 11.94
C GLY A 53 -5.50 6.46 13.40
N LEU A 54 -5.65 5.22 13.88
CA LEU A 54 -6.01 4.97 15.27
C LEU A 54 -4.87 5.46 16.17
N ASP A 55 -3.64 5.18 15.75
CA ASP A 55 -2.49 5.62 16.53
C ASP A 55 -2.42 7.13 16.59
N LYS A 56 -2.75 7.78 15.47
CA LYS A 56 -2.70 9.24 15.43
C LYS A 56 -3.69 9.86 16.40
N ALA A 57 -4.87 9.25 16.53
CA ALA A 57 -5.90 9.76 17.45
C ALA A 57 -5.43 9.56 18.89
N GLU A 58 -4.84 8.39 19.13
CA GLU A 58 -4.34 8.03 20.45
C GLU A 58 -3.18 8.94 20.87
N ARG A 59 -2.15 9.04 20.03
CA ARG A 59 -1.01 9.89 20.33
C ARG A 59 -1.47 11.32 20.42
N ALA A 60 -2.77 11.55 20.25
CA ALA A 60 -3.30 12.90 20.33
C ALA A 60 -4.23 13.03 21.52
N GLY A 61 -4.39 11.93 22.24
CA GLY A 61 -5.29 11.97 23.38
C GLY A 61 -6.75 11.98 22.94
N ILE A 62 -7.03 11.37 21.79
CA ILE A 62 -8.40 11.30 21.32
C ILE A 62 -8.91 9.88 21.45
N PRO A 63 -9.99 9.67 22.22
CA PRO A 63 -10.53 8.33 22.39
C PRO A 63 -10.95 7.71 21.05
N THR A 64 -10.88 6.39 20.96
CA THR A 64 -11.26 5.71 19.74
C THR A 64 -12.15 4.50 20.01
N ARG A 65 -12.77 4.01 18.94
CA ARG A 65 -13.61 2.83 19.00
C ARG A 65 -13.48 2.15 17.67
N VAL A 66 -13.37 0.83 17.68
CA VAL A 66 -13.31 0.14 16.42
C VAL A 66 -14.66 -0.56 16.29
N ILE A 67 -15.41 -0.19 15.25
CA ILE A 67 -16.70 -0.78 15.00
C ILE A 67 -16.57 -1.52 13.68
N ASN A 68 -16.29 -2.82 13.79
CA ASN A 68 -16.07 -3.67 12.65
C ASN A 68 -17.35 -4.06 11.91
N HIS A 69 -17.51 -3.53 10.71
CA HIS A 69 -18.70 -3.82 9.90
C HIS A 69 -18.87 -5.30 9.63
N LYS A 70 -17.78 -6.06 9.58
CA LYS A 70 -17.90 -7.49 9.33
C LYS A 70 -18.63 -8.26 10.43
N LEU A 71 -18.82 -7.63 11.59
CA LEU A 71 -19.49 -8.30 12.69
C LEU A 71 -20.98 -8.03 12.71
N TYR A 72 -21.50 -7.36 11.68
CA TYR A 72 -22.92 -7.09 11.62
C TYR A 72 -23.59 -7.79 10.45
N LYS A 73 -24.92 -7.75 10.42
CA LYS A 73 -25.67 -8.42 9.38
C LYS A 73 -25.90 -7.54 8.16
N ASN A 74 -26.07 -6.25 8.37
CA ASN A 74 -26.33 -5.33 7.28
C ASN A 74 -25.86 -3.93 7.64
N ARG A 75 -26.04 -2.99 6.72
CA ARG A 75 -25.61 -1.61 6.94
C ARG A 75 -26.36 -0.97 8.11
N VAL A 76 -27.67 -1.16 8.14
CA VAL A 76 -28.50 -0.59 9.19
C VAL A 76 -27.98 -0.93 10.59
N GLU A 77 -27.64 -2.19 10.79
CA GLU A 77 -27.15 -2.66 12.09
C GLU A 77 -25.79 -2.00 12.42
N PHE A 78 -24.89 -2.02 11.44
CA PHE A 78 -23.57 -1.44 11.59
C PHE A 78 -23.69 0.08 11.89
N ASP A 79 -24.52 0.78 11.13
CA ASP A 79 -24.69 2.22 11.33
C ASP A 79 -25.36 2.58 12.66
N SER A 80 -26.17 1.65 13.18
CA SER A 80 -26.85 1.88 14.45
C SER A 80 -25.82 1.83 15.57
N ALA A 81 -24.84 0.94 15.45
CA ALA A 81 -23.80 0.86 16.47
C ALA A 81 -23.04 2.18 16.43
N ILE A 82 -22.67 2.63 15.23
CA ILE A 82 -21.95 3.89 15.11
C ILE A 82 -22.76 5.02 15.73
N ASP A 83 -24.04 5.08 15.39
CA ASP A 83 -24.90 6.13 15.91
C ASP A 83 -25.00 6.11 17.44
N LEU A 84 -24.87 4.93 18.05
CA LEU A 84 -24.94 4.86 19.52
C LEU A 84 -23.77 5.61 20.14
N VAL A 85 -22.60 5.48 19.52
CA VAL A 85 -21.40 6.12 20.02
C VAL A 85 -21.46 7.63 19.82
N LEU A 86 -21.90 8.06 18.65
CA LEU A 86 -21.99 9.49 18.37
C LEU A 86 -22.91 10.17 19.38
N GLU A 87 -24.07 9.59 19.64
CA GLU A 87 -25.01 10.15 20.62
C GLU A 87 -24.32 10.16 22.00
N GLU A 88 -23.60 9.07 22.28
CA GLU A 88 -22.87 8.94 23.54
C GLU A 88 -21.82 10.04 23.71
N PHE A 89 -21.38 10.65 22.61
CA PHE A 89 -20.38 11.71 22.70
C PHE A 89 -20.97 13.05 22.33
N SER A 90 -22.30 13.12 22.27
CA SER A 90 -22.97 14.36 21.92
C SER A 90 -22.32 14.98 20.68
N ILE A 91 -22.03 14.15 19.68
CA ILE A 91 -21.39 14.65 18.47
C ILE A 91 -22.29 15.57 17.65
N ASP A 92 -21.69 16.66 17.17
CA ASP A 92 -22.40 17.65 16.36
C ASP A 92 -22.14 17.45 14.87
N ILE A 93 -20.86 17.34 14.52
CA ILE A 93 -20.44 17.18 13.14
C ILE A 93 -19.68 15.90 12.94
N VAL A 94 -20.01 15.20 11.85
CA VAL A 94 -19.31 13.97 11.50
C VAL A 94 -18.47 14.19 10.23
N CYS A 95 -17.19 13.84 10.30
CA CYS A 95 -16.30 13.96 9.15
C CYS A 95 -15.88 12.56 8.72
N LEU A 96 -16.12 12.23 7.46
CA LEU A 96 -15.75 10.92 6.94
C LEU A 96 -14.40 11.13 6.28
N ALA A 97 -13.34 10.66 6.93
CA ALA A 97 -11.97 10.85 6.42
C ALA A 97 -11.27 9.55 6.09
N GLY A 98 -11.56 9.05 4.89
CA GLY A 98 -10.98 7.79 4.44
C GLY A 98 -11.89 6.63 4.83
N PHE A 99 -13.10 6.97 5.28
CA PHE A 99 -14.09 5.97 5.68
C PHE A 99 -14.59 5.30 4.39
N MET A 100 -14.30 4.01 4.25
CA MET A 100 -14.70 3.28 3.05
C MET A 100 -16.01 2.51 3.17
N ARG A 101 -17.01 3.10 3.82
CA ARG A 101 -18.27 2.42 3.95
C ARG A 101 -19.41 3.31 3.48
N ILE A 102 -20.37 2.69 2.79
CA ILE A 102 -21.51 3.44 2.35
C ILE A 102 -22.50 3.43 3.51
N LEU A 103 -22.92 4.61 3.93
CA LEU A 103 -23.86 4.73 5.03
C LEU A 103 -25.30 4.48 4.57
N SER A 104 -26.10 3.93 5.47
CA SER A 104 -27.49 3.66 5.17
C SER A 104 -28.22 5.00 5.08
N GLY A 105 -29.29 5.00 4.28
CA GLY A 105 -30.07 6.21 4.06
C GLY A 105 -30.55 6.85 5.33
N PRO A 106 -31.20 6.08 6.21
CA PRO A 106 -31.71 6.62 7.47
C PRO A 106 -30.59 7.30 8.27
N PHE A 107 -29.38 6.76 8.19
CA PHE A 107 -28.26 7.36 8.92
C PHE A 107 -27.89 8.67 8.24
N VAL A 108 -27.72 8.64 6.91
CA VAL A 108 -27.39 9.86 6.18
C VAL A 108 -28.47 10.91 6.43
N GLN A 109 -29.73 10.45 6.43
CA GLN A 109 -30.89 11.31 6.68
C GLN A 109 -30.75 11.98 8.03
N LYS A 110 -30.46 11.16 9.04
CA LYS A 110 -30.30 11.63 10.41
C LYS A 110 -29.23 12.70 10.49
N TRP A 111 -28.11 12.47 9.82
CA TRP A 111 -27.01 13.42 9.87
C TRP A 111 -26.94 14.44 8.73
N ASN A 112 -28.04 14.59 7.99
CA ASN A 112 -28.09 15.54 6.88
C ASN A 112 -27.64 16.93 7.32
N GLY A 113 -26.71 17.52 6.57
CA GLY A 113 -26.22 18.84 6.92
C GLY A 113 -25.22 18.86 8.07
N LYS A 114 -24.82 17.68 8.53
CA LYS A 114 -23.86 17.61 9.64
C LYS A 114 -22.73 16.64 9.35
N MET A 115 -22.76 16.01 8.19
CA MET A 115 -21.73 15.06 7.84
C MET A 115 -21.02 15.46 6.57
N LEU A 116 -19.69 15.56 6.64
CA LEU A 116 -18.88 15.93 5.48
C LEU A 116 -18.05 14.73 5.09
N ASN A 117 -17.72 14.67 3.81
CA ASN A 117 -16.89 13.60 3.29
C ASN A 117 -15.86 14.24 2.40
N ILE A 118 -14.68 13.63 2.30
CA ILE A 118 -13.65 14.14 1.41
C ILE A 118 -13.50 13.08 0.32
N HIS A 119 -13.43 13.50 -0.94
CA HIS A 119 -13.28 12.56 -2.05
C HIS A 119 -12.10 13.05 -2.88
N PRO A 120 -11.24 12.13 -3.32
CA PRO A 120 -10.06 12.48 -4.12
C PRO A 120 -10.22 12.71 -5.60
N SER A 121 -11.21 13.53 -5.98
CA SER A 121 -11.40 13.88 -7.37
C SER A 121 -12.24 15.12 -7.34
N LEU A 122 -12.45 15.69 -8.51
CA LEU A 122 -13.30 16.85 -8.66
C LEU A 122 -14.65 16.25 -9.07
N LEU A 123 -15.50 16.01 -8.10
CA LEU A 123 -16.82 15.49 -8.35
C LEU A 123 -17.49 16.47 -9.32
N PRO A 124 -18.39 15.99 -10.19
CA PRO A 124 -18.89 14.62 -10.38
C PRO A 124 -17.98 13.62 -11.06
N SER A 125 -16.75 14.02 -11.37
CA SER A 125 -15.83 13.09 -12.02
C SER A 125 -15.30 12.01 -11.08
N PHE A 126 -15.04 10.84 -11.64
CA PHE A 126 -14.46 9.71 -10.94
C PHE A 126 -15.05 9.39 -9.58
N LYS A 127 -16.34 9.09 -9.56
CA LYS A 127 -16.98 8.75 -8.30
C LYS A 127 -16.51 7.34 -7.89
N GLY A 128 -16.70 7.01 -6.63
CA GLY A 128 -16.30 5.69 -6.17
C GLY A 128 -14.87 5.56 -5.70
N SER A 129 -14.48 4.32 -5.46
CA SER A 129 -13.14 4.03 -4.99
C SER A 129 -12.16 4.11 -6.14
N ASN A 130 -10.89 4.29 -5.81
CA ASN A 130 -9.82 4.37 -6.79
C ASN A 130 -9.97 5.49 -7.82
N ALA A 131 -10.29 6.69 -7.32
CA ALA A 131 -10.42 7.86 -8.19
C ALA A 131 -9.11 8.13 -8.93
N HIS A 132 -7.98 8.08 -8.22
CA HIS A 132 -6.68 8.33 -8.84
C HIS A 132 -6.42 7.39 -10.01
N GLU A 133 -6.73 6.11 -9.81
CA GLU A 133 -6.52 5.13 -10.86
C GLU A 133 -7.43 5.47 -12.05
N GLN A 134 -8.68 5.85 -11.75
CA GLN A 134 -9.62 6.22 -12.80
C GLN A 134 -9.07 7.39 -13.61
N ALA A 135 -8.57 8.40 -12.91
CA ALA A 135 -8.03 9.59 -13.55
C ALA A 135 -6.89 9.28 -14.51
N LEU A 136 -5.97 8.44 -14.06
CA LEU A 136 -4.81 8.06 -14.84
C LEU A 136 -5.17 7.17 -16.00
N GLU A 137 -6.22 6.37 -15.85
CA GLU A 137 -6.67 5.53 -16.95
C GLU A 137 -7.27 6.45 -17.99
N THR A 138 -8.11 7.37 -17.52
CA THR A 138 -8.78 8.33 -18.40
C THR A 138 -7.79 9.23 -19.13
N GLY A 139 -6.79 9.73 -18.40
CA GLY A 139 -5.80 10.59 -19.01
C GLY A 139 -6.05 12.08 -18.86
N VAL A 140 -6.67 12.51 -17.76
CA VAL A 140 -6.94 13.91 -17.54
C VAL A 140 -5.64 14.58 -17.12
N THR A 141 -5.52 15.88 -17.33
CA THR A 141 -4.33 16.59 -16.91
C THR A 141 -4.67 17.38 -15.63
N VAL A 142 -5.94 17.38 -15.25
CA VAL A 142 -6.33 18.09 -14.03
C VAL A 142 -7.26 17.25 -13.20
N THR A 143 -6.89 17.05 -11.94
CA THR A 143 -7.77 16.33 -11.03
C THR A 143 -7.90 17.22 -9.80
N GLY A 144 -8.12 16.62 -8.65
CA GLY A 144 -8.27 17.42 -7.45
C GLY A 144 -9.00 16.64 -6.36
N CYS A 145 -9.55 17.36 -5.40
CA CYS A 145 -10.29 16.73 -4.32
C CYS A 145 -11.54 17.55 -4.04
N THR A 146 -12.50 16.93 -3.37
CA THR A 146 -13.76 17.59 -3.06
C THR A 146 -14.27 17.26 -1.68
N VAL A 147 -14.76 18.26 -0.96
CA VAL A 147 -15.35 18.00 0.32
C VAL A 147 -16.81 18.41 0.12
N HIS A 148 -17.74 17.60 0.63
CA HIS A 148 -19.16 17.87 0.45
C HIS A 148 -20.02 17.23 1.53
N PHE A 149 -21.28 17.64 1.56
CA PHE A 149 -22.23 17.08 2.50
C PHE A 149 -22.66 15.73 1.94
N VAL A 150 -22.81 14.74 2.81
CA VAL A 150 -23.25 13.42 2.36
C VAL A 150 -24.77 13.43 2.19
N ALA A 151 -25.24 13.00 1.02
CA ALA A 151 -26.67 12.99 0.73
C ALA A 151 -27.17 11.60 0.41
N GLU A 152 -28.49 11.42 0.50
CA GLU A 152 -29.15 10.14 0.22
C GLU A 152 -28.46 9.37 -0.91
N ASP A 153 -28.25 10.02 -2.05
CA ASP A 153 -27.56 9.37 -3.16
C ASP A 153 -26.20 10.06 -3.31
N VAL A 154 -25.14 9.27 -3.40
CA VAL A 154 -23.77 9.79 -3.51
C VAL A 154 -23.56 10.73 -4.70
N ASP A 155 -24.65 11.13 -5.35
CA ASP A 155 -24.57 12.02 -6.51
C ASP A 155 -25.12 13.42 -6.28
N ALA A 156 -25.92 13.59 -5.23
CA ALA A 156 -26.49 14.90 -4.96
C ALA A 156 -25.81 15.55 -3.75
N GLY A 157 -24.76 14.92 -3.24
CA GLY A 157 -24.05 15.48 -2.11
C GLY A 157 -23.68 16.93 -2.39
N GLN A 158 -24.17 17.85 -1.58
CA GLN A 158 -23.87 19.26 -1.79
C GLN A 158 -22.40 19.57 -1.60
N ILE A 159 -21.77 20.09 -2.65
CA ILE A 159 -20.35 20.44 -2.62
C ILE A 159 -20.01 21.72 -1.85
N ILE A 160 -19.03 21.62 -0.95
CA ILE A 160 -18.61 22.75 -0.12
C ILE A 160 -17.33 23.43 -0.61
N LEU A 161 -16.33 22.63 -0.99
CA LEU A 161 -15.08 23.19 -1.44
C LEU A 161 -14.37 22.21 -2.37
N GLN A 162 -13.55 22.72 -3.27
CA GLN A 162 -12.80 21.85 -4.18
C GLN A 162 -11.49 22.51 -4.51
N GLU A 163 -10.47 21.72 -4.78
CA GLU A 163 -9.20 22.26 -5.18
C GLU A 163 -8.69 21.44 -6.34
N ALA A 164 -8.38 22.12 -7.42
CA ALA A 164 -7.88 21.45 -8.58
C ALA A 164 -6.40 21.14 -8.38
N VAL A 165 -6.01 19.98 -8.85
CA VAL A 165 -4.64 19.53 -8.73
C VAL A 165 -4.20 18.99 -10.09
N PRO A 166 -3.04 19.42 -10.56
CA PRO A 166 -2.53 18.99 -11.85
C PRO A 166 -2.04 17.55 -11.84
N VAL A 167 -2.13 16.91 -13.00
CA VAL A 167 -1.66 15.54 -13.16
C VAL A 167 -0.41 15.64 -14.05
N LYS A 168 0.72 15.13 -13.57
CA LYS A 168 1.94 15.18 -14.37
C LYS A 168 1.96 13.98 -15.27
N ARG A 169 2.57 14.13 -16.44
CA ARG A 169 2.61 13.03 -17.41
C ARG A 169 3.29 11.76 -16.89
N GLY A 170 4.24 11.91 -15.97
CA GLY A 170 4.91 10.73 -15.45
C GLY A 170 4.18 10.03 -14.31
N ASP A 171 3.33 10.76 -13.61
CA ASP A 171 2.59 10.23 -12.48
C ASP A 171 2.17 8.76 -12.47
N THR A 172 2.27 8.19 -11.28
CA THR A 172 1.85 6.81 -11.00
C THR A 172 0.77 7.06 -9.96
N VAL A 173 0.05 6.01 -9.54
CA VAL A 173 -1.00 6.19 -8.54
C VAL A 173 -0.40 6.81 -7.29
N ALA A 174 0.79 6.35 -6.92
CA ALA A 174 1.47 6.85 -5.74
C ALA A 174 1.71 8.35 -5.78
N THR A 175 2.43 8.84 -6.79
CA THR A 175 2.72 10.27 -6.89
C THR A 175 1.50 11.21 -6.97
N LEU A 176 0.54 10.86 -7.82
CA LEU A 176 -0.66 11.68 -7.95
C LEU A 176 -1.38 11.70 -6.60
N SER A 177 -1.57 10.51 -6.07
CA SER A 177 -2.25 10.31 -4.80
C SER A 177 -1.64 11.21 -3.72
N GLU A 178 -0.32 11.27 -3.69
CA GLU A 178 0.37 12.08 -2.71
C GLU A 178 0.07 13.58 -2.94
N ARG A 179 0.18 14.01 -4.19
CA ARG A 179 -0.08 15.40 -4.52
C ARG A 179 -1.53 15.77 -4.16
N VAL A 180 -2.47 14.87 -4.39
CA VAL A 180 -3.86 15.18 -4.09
C VAL A 180 -4.13 15.27 -2.59
N LYS A 181 -3.47 14.42 -1.81
CA LYS A 181 -3.67 14.45 -0.37
C LYS A 181 -3.27 15.81 0.22
N LEU A 182 -2.24 16.42 -0.36
CA LEU A 182 -1.77 17.72 0.12
C LEU A 182 -2.88 18.75 0.04
N ALA A 183 -3.65 18.68 -1.05
CA ALA A 183 -4.77 19.59 -1.24
C ALA A 183 -5.91 19.25 -0.27
N GLU A 184 -6.16 17.95 -0.08
CA GLU A 184 -7.20 17.48 0.84
C GLU A 184 -7.01 18.04 2.25
N HIS A 185 -5.77 18.04 2.71
CA HIS A 185 -5.46 18.53 4.05
C HIS A 185 -5.73 20.01 4.13
N LYS A 186 -5.79 20.67 2.98
CA LYS A 186 -6.09 22.10 2.97
C LYS A 186 -7.60 22.31 3.07
N ILE A 187 -8.34 21.71 2.16
CA ILE A 187 -9.78 21.93 2.15
C ILE A 187 -10.66 21.22 3.17
N PHE A 188 -10.25 20.07 3.72
CA PHE A 188 -11.12 19.43 4.70
C PHE A 188 -11.15 20.33 5.95
N PRO A 189 -9.98 20.74 6.45
CA PRO A 189 -9.96 21.60 7.65
C PRO A 189 -10.76 22.89 7.40
N ALA A 190 -10.54 23.52 6.24
CA ALA A 190 -11.24 24.75 5.94
C ALA A 190 -12.74 24.52 5.85
N ALA A 191 -13.13 23.43 5.23
CA ALA A 191 -14.54 23.11 5.10
C ALA A 191 -15.15 22.83 6.48
N LEU A 192 -14.42 22.12 7.33
CA LEU A 192 -14.92 21.81 8.65
C LEU A 192 -15.17 23.13 9.37
N GLN A 193 -14.18 24.00 9.33
CA GLN A 193 -14.28 25.29 9.99
C GLN A 193 -15.48 26.06 9.43
N LEU A 194 -15.59 26.10 8.10
CA LEU A 194 -16.67 26.80 7.46
C LEU A 194 -18.01 26.32 7.99
N VAL A 195 -18.18 25.01 8.07
CA VAL A 195 -19.42 24.42 8.54
C VAL A 195 -19.57 24.55 10.06
N ALA A 196 -18.52 24.22 10.80
CA ALA A 196 -18.58 24.30 12.26
C ALA A 196 -18.97 25.70 12.72
N SER A 197 -18.40 26.73 12.08
CA SER A 197 -18.70 28.11 12.45
C SER A 197 -20.03 28.62 11.92
N GLY A 198 -20.73 27.79 11.16
CA GLY A 198 -22.01 28.22 10.62
C GLY A 198 -21.95 29.08 9.37
N THR A 199 -20.76 29.31 8.82
CA THR A 199 -20.65 30.12 7.60
C THR A 199 -21.35 29.40 6.44
N VAL A 200 -21.19 28.09 6.41
CA VAL A 200 -21.82 27.26 5.38
C VAL A 200 -22.85 26.34 6.03
N GLN A 201 -24.00 26.19 5.37
CA GLN A 201 -25.10 25.34 5.83
C GLN A 201 -25.85 24.82 4.63
N LEU A 202 -26.71 23.84 4.86
CA LEU A 202 -27.56 23.30 3.81
C LEU A 202 -28.89 24.02 3.97
N GLY A 203 -29.28 24.79 2.96
CA GLY A 203 -30.54 25.52 3.01
C GLY A 203 -31.73 24.59 3.12
N GLU A 204 -32.94 25.16 3.13
CA GLU A 204 -34.14 24.34 3.23
C GLU A 204 -34.41 23.64 1.89
N ASN A 205 -33.86 24.19 0.82
CA ASN A 205 -34.02 23.63 -0.51
C ASN A 205 -32.99 22.52 -0.73
N GLY A 206 -32.14 22.32 0.27
CA GLY A 206 -31.12 21.30 0.18
C GLY A 206 -29.83 21.75 -0.50
N LYS A 207 -29.80 23.01 -0.96
CA LYS A 207 -28.63 23.54 -1.63
C LYS A 207 -27.72 24.28 -0.64
N ILE A 208 -26.43 24.29 -0.92
CA ILE A 208 -25.46 24.94 -0.05
C ILE A 208 -25.84 26.40 0.19
N CYS A 209 -25.37 26.95 1.30
CA CYS A 209 -25.71 28.30 1.70
C CYS A 209 -24.56 28.99 2.44
N TRP A 210 -24.23 30.22 2.06
CA TRP A 210 -23.16 30.96 2.71
C TRP A 210 -23.69 32.19 3.40
N VAL A 211 -23.05 32.56 4.49
CA VAL A 211 -23.45 33.76 5.25
C VAL A 211 -23.75 34.92 4.32
N ARG B 11 24.54 -0.01 -17.12
CA ARG B 11 23.68 0.09 -15.90
C ARG B 11 24.45 -0.34 -14.65
N ILE B 12 24.57 0.57 -13.71
CA ILE B 12 25.32 0.32 -12.48
C ILE B 12 24.68 -0.73 -11.59
N LEU B 13 25.48 -1.71 -11.15
CA LEU B 13 24.99 -2.76 -10.25
C LEU B 13 25.22 -2.29 -8.83
N VAL B 14 24.15 -2.33 -8.04
CA VAL B 14 24.18 -1.84 -6.66
C VAL B 14 23.93 -2.88 -5.59
N ALA B 15 24.69 -2.78 -4.50
CA ALA B 15 24.50 -3.67 -3.37
C ALA B 15 23.92 -2.76 -2.30
N VAL B 16 22.89 -3.21 -1.60
CA VAL B 16 22.35 -2.38 -0.52
C VAL B 16 22.56 -3.17 0.74
N LEU B 17 23.18 -2.55 1.74
CA LEU B 17 23.44 -3.21 3.02
C LEU B 17 22.46 -2.61 4.01
N ILE B 18 21.91 -3.45 4.87
CA ILE B 18 20.91 -3.02 5.86
C ILE B 18 21.12 -3.71 7.20
N SER B 19 20.41 -3.23 8.22
CA SER B 19 20.45 -3.82 9.54
C SER B 19 19.01 -3.94 10.08
N GLY B 20 18.03 -3.37 9.38
CA GLY B 20 16.67 -3.45 9.92
C GLY B 20 15.45 -3.48 9.00
N THR B 21 14.52 -2.55 9.26
CA THR B 21 13.24 -2.44 8.55
C THR B 21 13.31 -2.38 7.03
N GLY B 22 14.34 -1.74 6.51
CA GLY B 22 14.52 -1.69 5.06
C GLY B 22 13.64 -0.73 4.31
N SER B 23 13.13 0.30 5.00
CA SER B 23 12.29 1.30 4.34
C SER B 23 13.11 2.06 3.29
N ASN B 24 14.38 2.38 3.58
CA ASN B 24 15.19 3.09 2.59
C ASN B 24 15.49 2.14 1.42
N LEU B 25 15.71 0.87 1.75
CA LEU B 25 15.93 -0.15 0.73
C LEU B 25 14.73 -0.19 -0.21
N GLN B 26 13.51 -0.15 0.35
CA GLN B 26 12.32 -0.22 -0.49
C GLN B 26 12.27 0.95 -1.43
N ALA B 27 12.55 2.15 -0.92
CA ALA B 27 12.54 3.32 -1.81
C ALA B 27 13.63 3.21 -2.88
N LEU B 28 14.76 2.58 -2.57
CA LEU B 28 15.82 2.46 -3.58
C LEU B 28 15.36 1.46 -4.64
N ILE B 29 14.83 0.34 -4.18
CA ILE B 29 14.33 -0.70 -5.07
C ILE B 29 13.31 -0.11 -6.04
N ASP B 30 12.32 0.62 -5.51
CA ASP B 30 11.28 1.23 -6.35
C ASP B 30 11.83 2.25 -7.36
N SER B 31 12.68 3.17 -6.92
CA SER B 31 13.24 4.15 -7.86
C SER B 31 14.08 3.40 -8.90
N THR B 32 14.64 2.28 -8.47
CA THR B 32 15.47 1.46 -9.32
C THR B 32 14.68 0.80 -10.43
N ARG B 33 13.39 0.62 -10.20
CA ARG B 33 12.50 -0.05 -11.16
C ARG B 33 12.00 0.82 -12.30
N GLU B 34 12.13 2.14 -12.18
CA GLU B 34 11.68 3.04 -13.23
C GLU B 34 12.53 2.84 -14.49
N PRO B 35 11.87 2.72 -15.65
CA PRO B 35 12.55 2.51 -16.94
C PRO B 35 13.78 3.40 -17.15
N ASN B 36 13.72 4.57 -16.56
CA ASN B 36 14.77 5.59 -16.66
C ASN B 36 16.01 5.42 -15.75
N SER B 37 15.89 4.58 -14.73
CA SER B 37 16.98 4.36 -13.79
C SER B 37 18.32 3.90 -14.34
N SER B 38 19.39 4.51 -13.82
CA SER B 38 20.75 4.17 -14.22
C SER B 38 21.31 3.08 -13.34
N ALA B 39 20.55 2.65 -12.33
CA ALA B 39 21.06 1.62 -11.44
C ALA B 39 20.18 0.37 -11.30
N GLN B 40 20.84 -0.73 -10.93
CA GLN B 40 20.18 -2.00 -10.74
C GLN B 40 20.69 -2.59 -9.42
N ILE B 41 19.78 -2.96 -8.54
CA ILE B 41 20.19 -3.53 -7.26
C ILE B 41 20.31 -5.05 -7.40
N ASP B 42 21.52 -5.57 -7.28
CA ASP B 42 21.77 -7.00 -7.46
C ASP B 42 21.96 -7.81 -6.19
N ILE B 43 22.11 -7.16 -5.05
CA ILE B 43 22.30 -7.96 -3.84
C ILE B 43 22.00 -7.13 -2.61
N VAL B 44 21.40 -7.77 -1.62
CA VAL B 44 21.09 -7.09 -0.37
C VAL B 44 21.73 -7.91 0.72
N ILE B 45 22.52 -7.22 1.55
CA ILE B 45 23.24 -7.85 2.64
C ILE B 45 22.84 -7.25 4.01
N SER B 46 22.44 -8.11 4.94
CA SER B 46 22.08 -7.62 6.26
C SER B 46 23.08 -8.19 7.27
N ASN B 47 23.43 -7.42 8.29
CA ASN B 47 24.35 -7.94 9.30
C ASN B 47 23.55 -8.61 10.41
N LYS B 48 22.22 -8.61 10.26
CA LYS B 48 21.33 -9.23 11.23
C LYS B 48 20.29 -10.10 10.52
N ALA B 49 20.01 -11.27 11.09
CA ALA B 49 19.05 -12.20 10.50
C ALA B 49 17.61 -11.85 10.78
N ALA B 50 16.73 -12.30 9.90
CA ALA B 50 15.29 -12.11 10.00
C ALA B 50 14.74 -10.70 10.18
N VAL B 51 15.35 -9.69 9.55
CA VAL B 51 14.79 -8.36 9.68
C VAL B 51 13.89 -8.17 8.49
N ALA B 52 12.92 -7.27 8.63
CA ALA B 52 11.95 -6.97 7.56
C ALA B 52 12.59 -6.64 6.22
N GLY B 53 13.75 -5.98 6.23
CA GLY B 53 14.40 -5.62 4.99
C GLY B 53 14.71 -6.81 4.08
N LEU B 54 15.03 -7.95 4.68
CA LEU B 54 15.34 -9.12 3.88
C LEU B 54 14.12 -9.57 3.08
N ASP B 55 12.94 -9.49 3.70
CA ASP B 55 11.70 -9.89 3.05
C ASP B 55 11.44 -9.02 1.83
N LYS B 56 11.67 -7.71 2.01
CA LYS B 56 11.45 -6.75 0.94
C LYS B 56 12.39 -7.07 -0.22
N ALA B 57 13.64 -7.33 0.09
CA ALA B 57 14.60 -7.64 -0.95
C ALA B 57 14.14 -8.89 -1.70
N GLU B 58 13.77 -9.93 -0.96
CA GLU B 58 13.33 -11.18 -1.57
C GLU B 58 12.07 -11.01 -2.41
N ARG B 59 11.08 -10.32 -1.88
CA ARG B 59 9.83 -10.13 -2.62
C ARG B 59 10.02 -9.21 -3.84
N ALA B 60 11.21 -8.63 -3.99
CA ALA B 60 11.48 -7.80 -5.16
C ALA B 60 12.40 -8.62 -6.06
N GLY B 61 12.59 -9.89 -5.71
CA GLY B 61 13.43 -10.76 -6.50
C GLY B 61 14.92 -10.49 -6.39
N ILE B 62 15.32 -9.90 -5.27
CA ILE B 62 16.72 -9.59 -5.07
C ILE B 62 17.28 -10.57 -4.06
N PRO B 63 18.32 -11.34 -4.43
CA PRO B 63 18.88 -12.30 -3.49
C PRO B 63 19.52 -11.58 -2.30
N THR B 64 19.52 -12.24 -1.15
CA THR B 64 20.06 -11.67 0.08
C THR B 64 21.09 -12.58 0.78
N ARG B 65 21.95 -11.96 1.58
CA ARG B 65 22.94 -12.69 2.36
C ARG B 65 22.90 -12.10 3.78
N VAL B 66 22.94 -12.95 4.80
CA VAL B 66 22.99 -12.44 6.16
C VAL B 66 24.44 -12.65 6.61
N ILE B 67 25.13 -11.57 6.97
CA ILE B 67 26.51 -11.69 7.45
C ILE B 67 26.53 -11.13 8.88
N ASN B 68 26.49 -12.04 9.84
CA ASN B 68 26.44 -11.68 11.26
C ASN B 68 27.82 -11.27 11.79
N HIS B 69 27.99 -9.98 12.09
CA HIS B 69 29.27 -9.51 12.57
C HIS B 69 29.70 -10.20 13.87
N LYS B 70 28.74 -10.74 14.61
CA LYS B 70 29.08 -11.40 15.86
C LYS B 70 29.87 -12.69 15.65
N LEU B 71 29.80 -13.24 14.44
CA LEU B 71 30.50 -14.48 14.13
C LEU B 71 31.95 -14.28 13.71
N TYR B 72 32.41 -13.03 13.70
CA TYR B 72 33.78 -12.74 13.31
C TYR B 72 34.67 -12.26 14.45
N LYS B 73 35.97 -12.22 14.20
CA LYS B 73 36.93 -11.83 15.22
C LYS B 73 37.26 -10.35 15.25
N ASN B 74 36.94 -9.62 14.19
CA ASN B 74 37.19 -8.19 14.12
C ASN B 74 36.56 -7.59 12.88
N ARG B 75 36.67 -6.27 12.74
CA ARG B 75 36.09 -5.58 11.60
C ARG B 75 36.67 -6.01 10.26
N VAL B 76 37.97 -6.26 10.19
CA VAL B 76 38.56 -6.65 8.92
C VAL B 76 38.01 -7.99 8.40
N GLU B 77 37.86 -8.98 9.28
CA GLU B 77 37.33 -10.27 8.88
C GLU B 77 35.90 -10.10 8.37
N PHE B 78 35.09 -9.39 9.15
CA PHE B 78 33.72 -9.13 8.81
C PHE B 78 33.61 -8.36 7.50
N ASP B 79 34.32 -7.24 7.39
CA ASP B 79 34.29 -6.44 6.16
C ASP B 79 34.73 -7.27 4.94
N SER B 80 35.69 -8.17 5.17
CA SER B 80 36.19 -9.03 4.11
C SER B 80 35.10 -10.01 3.65
N ALA B 81 34.33 -10.52 4.60
CA ALA B 81 33.27 -11.45 4.25
C ALA B 81 32.27 -10.71 3.35
N ILE B 82 32.02 -9.44 3.67
CA ILE B 82 31.10 -8.62 2.89
C ILE B 82 31.66 -8.34 1.50
N ASP B 83 32.94 -7.98 1.45
CA ASP B 83 33.56 -7.66 0.18
C ASP B 83 33.58 -8.89 -0.69
N LEU B 84 33.68 -10.07 -0.09
CA LEU B 84 33.70 -11.27 -0.89
C LEU B 84 32.36 -11.38 -1.64
N VAL B 85 31.24 -11.05 -0.98
CA VAL B 85 29.95 -11.12 -1.63
C VAL B 85 29.83 -10.01 -2.67
N LEU B 86 30.32 -8.84 -2.34
CA LEU B 86 30.25 -7.74 -3.29
C LEU B 86 30.97 -8.06 -4.60
N GLU B 87 32.15 -8.66 -4.49
CA GLU B 87 32.94 -9.02 -5.67
C GLU B 87 32.21 -10.12 -6.42
N GLU B 88 31.53 -10.97 -5.67
CA GLU B 88 30.78 -12.08 -6.23
C GLU B 88 29.66 -11.59 -7.15
N PHE B 89 29.12 -10.40 -6.88
CA PHE B 89 28.06 -9.87 -7.71
C PHE B 89 28.51 -8.73 -8.60
N SER B 90 29.82 -8.54 -8.66
CA SER B 90 30.38 -7.48 -9.50
C SER B 90 29.74 -6.14 -9.20
N ILE B 91 29.50 -5.88 -7.91
CA ILE B 91 28.88 -4.62 -7.51
C ILE B 91 29.77 -3.40 -7.80
N ASP B 92 29.16 -2.35 -8.33
CA ASP B 92 29.86 -1.10 -8.66
C ASP B 92 29.65 -0.05 -7.57
N ILE B 93 28.44 -0.01 -7.02
CA ILE B 93 28.11 0.96 -5.99
C ILE B 93 27.43 0.31 -4.79
N VAL B 94 27.86 0.71 -3.60
CA VAL B 94 27.28 0.20 -2.37
C VAL B 94 26.45 1.28 -1.70
N CYS B 95 25.24 0.92 -1.26
CA CYS B 95 24.40 1.85 -0.53
C CYS B 95 24.19 1.32 0.89
N LEU B 96 24.50 2.14 1.89
CA LEU B 96 24.32 1.74 3.29
C LEU B 96 23.00 2.37 3.70
N ALA B 97 21.95 1.56 3.76
CA ALA B 97 20.62 2.03 4.13
C ALA B 97 20.22 1.45 5.48
N GLY B 98 20.51 2.19 6.54
CA GLY B 98 20.20 1.71 7.87
C GLY B 98 21.20 0.67 8.34
N PHE B 99 22.36 0.61 7.69
CA PHE B 99 23.39 -0.35 8.08
C PHE B 99 24.08 0.25 9.31
N MET B 100 23.96 -0.42 10.45
CA MET B 100 24.52 0.10 11.70
C MET B 100 25.92 -0.42 12.04
N ARG B 101 26.84 -0.37 11.08
CA ARG B 101 28.19 -0.84 11.34
C ARG B 101 29.24 0.15 10.86
N ILE B 102 30.23 0.43 11.68
CA ILE B 102 31.28 1.32 11.21
C ILE B 102 32.20 0.40 10.43
N LEU B 103 32.38 0.71 9.15
CA LEU B 103 33.24 -0.12 8.32
C LEU B 103 34.72 0.18 8.58
N SER B 104 35.59 -0.78 8.26
CA SER B 104 37.03 -0.60 8.45
C SER B 104 37.66 0.29 7.38
N GLY B 105 38.79 0.90 7.74
CA GLY B 105 39.49 1.79 6.84
C GLY B 105 39.78 1.21 5.46
N PRO B 106 40.38 0.00 5.41
CA PRO B 106 40.68 -0.60 4.10
C PRO B 106 39.42 -0.71 3.25
N PHE B 107 38.34 -1.21 3.84
CA PHE B 107 37.09 -1.35 3.11
C PHE B 107 36.66 -0.01 2.57
N VAL B 108 36.60 0.98 3.47
CA VAL B 108 36.21 2.32 3.05
C VAL B 108 37.08 2.80 1.92
N GLN B 109 38.38 2.53 2.00
CA GLN B 109 39.30 2.95 0.95
C GLN B 109 38.97 2.28 -0.38
N LYS B 110 38.92 0.96 -0.35
CA LYS B 110 38.63 0.19 -1.55
C LYS B 110 37.34 0.69 -2.24
N TRP B 111 36.34 1.08 -1.45
CA TRP B 111 35.09 1.54 -2.02
C TRP B 111 34.93 3.03 -2.14
N ASN B 112 36.02 3.75 -1.90
CA ASN B 112 35.98 5.20 -1.94
C ASN B 112 35.37 5.75 -3.23
N GLY B 113 34.36 6.61 -3.06
CA GLY B 113 33.68 7.21 -4.18
C GLY B 113 32.63 6.30 -4.79
N LYS B 114 32.40 5.16 -4.16
CA LYS B 114 31.43 4.20 -4.67
C LYS B 114 30.45 3.75 -3.61
N MET B 115 30.56 4.32 -2.42
CA MET B 115 29.69 3.92 -1.35
C MET B 115 28.97 5.11 -0.76
N LEU B 116 27.64 5.04 -0.76
CA LEU B 116 26.80 6.11 -0.21
C LEU B 116 26.17 5.68 1.10
N ASN B 117 25.96 6.64 1.98
CA ASN B 117 25.34 6.37 3.26
C ASN B 117 24.31 7.45 3.53
N ILE B 118 23.17 7.08 4.14
CA ILE B 118 22.15 8.05 4.50
C ILE B 118 22.15 8.20 6.01
N HIS B 119 22.11 9.45 6.47
CA HIS B 119 22.10 9.76 7.90
C HIS B 119 20.95 10.69 8.19
N PRO B 120 20.18 10.40 9.26
CA PRO B 120 19.01 11.18 9.67
C PRO B 120 19.22 12.53 10.37
N SER B 121 20.07 13.37 9.82
CA SER B 121 20.25 14.69 10.39
C SER B 121 20.93 15.50 9.30
N LEU B 122 20.99 16.82 9.48
CA LEU B 122 21.69 17.68 8.53
C LEU B 122 23.13 17.67 9.06
N LEU B 123 23.98 16.81 8.52
CA LEU B 123 25.35 16.74 8.96
C LEU B 123 25.95 18.10 8.67
N PRO B 124 27.01 18.50 9.42
CA PRO B 124 27.72 17.81 10.49
C PRO B 124 27.01 17.74 11.83
N SER B 125 25.76 18.20 11.90
CA SER B 125 25.04 18.11 13.17
C SER B 125 24.62 16.69 13.55
N PHE B 126 24.59 16.43 14.85
CA PHE B 126 24.16 15.15 15.40
C PHE B 126 24.68 13.92 14.68
N LYS B 127 26.00 13.74 14.70
CA LYS B 127 26.66 12.59 14.09
C LYS B 127 26.45 11.41 15.03
N GLY B 128 26.60 10.21 14.48
CA GLY B 128 26.45 9.02 15.30
C GLY B 128 25.04 8.48 15.40
N SER B 129 24.81 7.61 16.38
CA SER B 129 23.51 7.01 16.58
C SER B 129 22.51 7.90 17.29
N ASN B 130 21.23 7.59 17.10
CA ASN B 130 20.15 8.33 17.74
C ASN B 130 20.15 9.82 17.43
N ALA B 131 20.35 10.15 16.15
CA ALA B 131 20.36 11.54 15.69
C ALA B 131 19.12 12.31 16.14
N HIS B 132 17.95 11.67 15.99
CA HIS B 132 16.66 12.26 16.34
C HIS B 132 16.55 12.57 17.81
N GLU B 133 17.06 11.67 18.63
CA GLU B 133 17.03 11.89 20.06
C GLU B 133 17.96 13.06 20.35
N GLN B 134 19.10 13.15 19.65
CA GLN B 134 20.00 14.28 19.89
C GLN B 134 19.30 15.57 19.47
N ALA B 135 18.64 15.51 18.31
CA ALA B 135 17.92 16.66 17.78
C ALA B 135 16.86 17.15 18.78
N LEU B 136 16.09 16.21 19.34
CA LEU B 136 15.07 16.60 20.31
C LEU B 136 15.67 17.06 21.64
N GLU B 137 16.76 16.44 22.11
CA GLU B 137 17.38 16.90 23.37
C GLU B 137 17.90 18.32 23.16
N THR B 138 18.55 18.56 22.03
CA THR B 138 19.11 19.87 21.75
C THR B 138 18.05 20.96 21.64
N GLY B 139 16.96 20.68 20.93
CA GLY B 139 15.91 21.67 20.82
C GLY B 139 15.82 22.40 19.49
N VAL B 140 16.49 21.89 18.46
CA VAL B 140 16.46 22.52 17.15
C VAL B 140 15.02 22.48 16.66
N THR B 141 14.68 23.40 15.77
CA THR B 141 13.34 23.42 15.22
C THR B 141 13.49 22.93 13.79
N VAL B 142 14.73 22.73 13.38
CA VAL B 142 15.01 22.25 12.03
C VAL B 142 16.06 21.15 12.02
N THR B 143 15.74 20.01 11.43
CA THR B 143 16.69 18.91 11.33
C THR B 143 16.57 18.45 9.89
N GLY B 144 16.86 17.17 9.63
CA GLY B 144 16.75 16.70 8.26
C GLY B 144 17.51 15.42 8.04
N CYS B 145 17.98 15.20 6.82
CA CYS B 145 18.74 14.00 6.50
C CYS B 145 19.78 14.30 5.43
N THR B 146 20.83 13.49 5.36
CA THR B 146 21.83 13.71 4.33
C THR B 146 22.40 12.42 3.79
N VAL B 147 22.71 12.46 2.51
CA VAL B 147 23.29 11.32 1.82
C VAL B 147 24.68 11.81 1.55
N HIS B 148 25.68 10.98 1.84
CA HIS B 148 27.06 11.38 1.61
C HIS B 148 27.91 10.17 1.31
N PHE B 149 29.03 10.39 0.62
CA PHE B 149 29.97 9.31 0.33
C PHE B 149 30.62 8.96 1.66
N VAL B 150 30.94 7.70 1.88
CA VAL B 150 31.58 7.35 3.14
C VAL B 150 33.08 7.56 2.94
N ALA B 151 33.72 8.24 3.89
CA ALA B 151 35.13 8.51 3.77
C ALA B 151 35.96 7.96 4.93
N GLU B 152 37.25 7.80 4.69
CA GLU B 152 38.19 7.29 5.68
C GLU B 152 37.80 7.67 7.10
N ASP B 153 37.54 8.95 7.32
CA ASP B 153 37.12 9.41 8.64
C ASP B 153 35.65 9.76 8.54
N VAL B 154 34.90 9.48 9.60
CA VAL B 154 33.47 9.77 9.62
C VAL B 154 33.18 11.25 9.85
N ASP B 155 33.97 12.10 9.21
CA ASP B 155 33.79 13.55 9.34
C ASP B 155 33.99 14.29 8.02
N ALA B 156 34.63 13.63 7.06
CA ALA B 156 34.89 14.25 5.77
C ALA B 156 34.09 13.60 4.64
N GLY B 157 33.11 12.77 5.00
CA GLY B 157 32.30 12.13 3.99
C GLY B 157 31.70 13.23 3.12
N GLN B 158 32.03 13.25 1.83
CA GLN B 158 31.49 14.28 0.97
C GLN B 158 29.99 14.21 0.80
N ILE B 159 29.34 15.27 1.26
CA ILE B 159 27.90 15.42 1.19
C ILE B 159 27.43 15.52 -0.25
N ILE B 160 26.41 14.74 -0.59
CA ILE B 160 25.89 14.76 -1.94
C ILE B 160 24.58 15.51 -1.93
N LEU B 161 23.71 15.15 -1.00
CA LEU B 161 22.41 15.80 -0.90
C LEU B 161 21.88 15.87 0.53
N GLN B 162 21.07 16.89 0.78
CA GLN B 162 20.46 17.07 2.09
C GLN B 162 19.05 17.60 1.88
N GLU B 163 18.21 17.39 2.88
CA GLU B 163 16.84 17.87 2.83
C GLU B 163 16.45 18.24 4.24
N ALA B 164 16.11 19.50 4.44
CA ALA B 164 15.74 19.98 5.76
C ALA B 164 14.35 19.48 6.12
N VAL B 165 14.13 19.22 7.41
CA VAL B 165 12.83 18.74 7.87
C VAL B 165 12.49 19.48 9.16
N PRO B 166 11.30 20.11 9.21
CA PRO B 166 10.86 20.85 10.39
C PRO B 166 10.64 19.95 11.58
N VAL B 167 10.84 20.51 12.77
CA VAL B 167 10.62 19.76 13.99
C VAL B 167 9.43 20.45 14.62
N LYS B 168 8.39 19.68 14.86
CA LYS B 168 7.21 20.26 15.48
C LYS B 168 7.39 20.17 16.99
N ARG B 169 6.92 21.18 17.70
CA ARG B 169 7.00 21.14 19.14
C ARG B 169 5.99 20.05 19.50
N GLY B 170 6.36 19.17 20.42
CA GLY B 170 5.43 18.11 20.74
C GLY B 170 5.77 16.84 19.95
N ASP B 171 6.84 16.89 19.16
CA ASP B 171 7.29 15.74 18.39
C ASP B 171 7.90 14.74 19.36
N THR B 172 7.74 13.46 19.06
CA THR B 172 8.36 12.43 19.88
C THR B 172 9.46 11.91 18.97
N VAL B 173 10.28 10.99 19.45
CA VAL B 173 11.33 10.43 18.60
C VAL B 173 10.63 9.75 17.44
N ALA B 174 9.51 9.11 17.73
CA ALA B 174 8.79 8.39 16.70
C ALA B 174 8.22 9.29 15.61
N THR B 175 7.57 10.39 15.98
CA THR B 175 7.01 11.26 14.95
C THR B 175 8.08 11.97 14.15
N LEU B 176 9.15 12.40 14.81
CA LEU B 176 10.20 13.09 14.08
C LEU B 176 10.87 12.11 13.13
N SER B 177 11.23 10.93 13.63
CA SER B 177 11.89 9.94 12.78
C SER B 177 11.03 9.55 11.58
N GLU B 178 9.72 9.44 11.80
CA GLU B 178 8.82 9.09 10.70
C GLU B 178 8.88 10.18 9.63
N ARG B 179 8.82 11.44 10.08
CA ARG B 179 8.88 12.57 9.16
C ARG B 179 10.21 12.61 8.39
N VAL B 180 11.32 12.40 9.07
CA VAL B 180 12.58 12.44 8.36
C VAL B 180 12.71 11.28 7.36
N LYS B 181 12.17 10.11 7.68
CA LYS B 181 12.30 9.00 6.74
C LYS B 181 11.68 9.34 5.39
N LEU B 182 10.64 10.15 5.41
CA LEU B 182 9.99 10.52 4.17
C LEU B 182 10.95 11.31 3.28
N ALA B 183 11.75 12.19 3.89
CA ALA B 183 12.70 12.96 3.10
C ALA B 183 13.80 11.99 2.65
N GLU B 184 14.23 11.09 3.53
CA GLU B 184 15.27 10.11 3.20
C GLU B 184 14.88 9.28 1.97
N HIS B 185 13.59 8.93 1.90
CA HIS B 185 13.07 8.14 0.79
C HIS B 185 13.10 8.91 -0.51
N LYS B 186 13.30 10.23 -0.40
CA LYS B 186 13.39 11.05 -1.58
C LYS B 186 14.85 11.30 -1.98
N ILE B 187 15.66 11.80 -1.04
CA ILE B 187 17.03 12.11 -1.39
C ILE B 187 17.96 10.95 -1.64
N PHE B 188 17.76 9.82 -0.96
CA PHE B 188 18.65 8.69 -1.18
C PHE B 188 18.52 8.18 -2.63
N PRO B 189 17.28 7.92 -3.09
CA PRO B 189 17.13 7.42 -4.48
C PRO B 189 17.64 8.47 -5.47
N ALA B 190 17.40 9.74 -5.19
CA ALA B 190 17.87 10.78 -6.11
C ALA B 190 19.40 10.81 -6.14
N ALA B 191 20.04 10.56 -4.99
CA ALA B 191 21.49 10.60 -4.95
C ALA B 191 22.10 9.36 -5.62
N LEU B 192 21.52 8.20 -5.41
CA LEU B 192 22.07 7.00 -6.06
C LEU B 192 22.07 7.24 -7.56
N GLN B 193 20.98 7.84 -8.04
CA GLN B 193 20.82 8.13 -9.45
C GLN B 193 21.90 9.12 -9.89
N LEU B 194 22.04 10.22 -9.15
CA LEU B 194 23.08 11.20 -9.46
C LEU B 194 24.44 10.54 -9.63
N VAL B 195 24.88 9.78 -8.61
CA VAL B 195 26.17 9.10 -8.65
C VAL B 195 26.22 7.96 -9.68
N ALA B 196 25.11 7.26 -9.84
CA ALA B 196 25.07 6.14 -10.76
C ALA B 196 25.12 6.57 -12.22
N SER B 197 24.62 7.76 -12.51
CA SER B 197 24.61 8.26 -13.88
C SER B 197 25.86 9.09 -14.21
N GLY B 198 26.76 9.21 -13.24
CA GLY B 198 27.97 9.98 -13.47
C GLY B 198 27.83 11.47 -13.28
N THR B 199 26.61 11.93 -13.04
CA THR B 199 26.37 13.35 -12.84
C THR B 199 27.19 13.88 -11.68
N VAL B 200 27.25 13.11 -10.60
CA VAL B 200 28.01 13.49 -9.41
C VAL B 200 29.12 12.49 -9.14
N GLN B 201 30.32 12.99 -8.89
CA GLN B 201 31.48 12.15 -8.63
C GLN B 201 32.35 12.70 -7.50
N LEU B 202 33.19 11.84 -6.96
CA LEU B 202 34.10 12.25 -5.91
C LEU B 202 35.30 12.74 -6.71
N GLY B 203 35.66 14.00 -6.51
CA GLY B 203 36.79 14.55 -7.24
C GLY B 203 38.10 13.98 -6.72
N GLU B 204 39.16 14.11 -7.51
CA GLU B 204 40.44 13.60 -7.07
C GLU B 204 41.03 14.48 -6.00
N ASN B 205 40.54 15.72 -5.93
CA ASN B 205 41.00 16.66 -4.91
C ASN B 205 40.26 16.31 -3.62
N GLY B 206 39.50 15.21 -3.67
CA GLY B 206 38.75 14.75 -2.51
C GLY B 206 37.38 15.38 -2.29
N LYS B 207 37.13 16.53 -2.89
CA LYS B 207 35.86 17.20 -2.73
C LYS B 207 34.78 16.70 -3.70
N ILE B 208 33.54 17.01 -3.38
CA ILE B 208 32.39 16.63 -4.20
C ILE B 208 32.51 17.29 -5.56
N CYS B 209 32.04 16.61 -6.61
CA CYS B 209 32.14 17.14 -7.96
C CYS B 209 30.92 16.91 -8.85
N TRP B 210 30.32 17.99 -9.33
CA TRP B 210 29.15 17.89 -10.22
C TRP B 210 29.52 18.15 -11.68
N VAL B 211 29.12 17.27 -12.59
CA VAL B 211 29.48 17.43 -14.00
C VAL B 211 28.74 18.54 -14.73
N ARG C 11 3.39 -31.30 -12.85
CA ARG C 11 4.35 -30.70 -13.84
C ARG C 11 3.83 -29.41 -14.47
N ILE C 12 2.52 -29.21 -14.43
CA ILE C 12 1.96 -27.96 -14.97
C ILE C 12 2.30 -26.90 -13.91
N LEU C 13 2.95 -25.82 -14.34
CA LEU C 13 3.40 -24.71 -13.48
C LEU C 13 2.31 -23.64 -13.27
N VAL C 14 2.02 -23.36 -12.01
CA VAL C 14 0.97 -22.40 -11.65
C VAL C 14 1.50 -21.17 -10.93
N ALA C 15 0.95 -20.01 -11.26
CA ALA C 15 1.30 -18.76 -10.59
C ALA C 15 0.01 -18.39 -9.85
N VAL C 16 0.09 -18.07 -8.56
CA VAL C 16 -1.12 -17.69 -7.81
C VAL C 16 -1.02 -16.20 -7.43
N LEU C 17 -1.97 -15.39 -7.89
CA LEU C 17 -2.00 -13.95 -7.59
C LEU C 17 -2.95 -13.70 -6.42
N ILE C 18 -2.45 -12.95 -5.43
CA ILE C 18 -3.23 -12.65 -4.22
C ILE C 18 -3.14 -11.17 -3.84
N SER C 19 -3.98 -10.76 -2.90
CA SER C 19 -4.03 -9.39 -2.38
C SER C 19 -4.16 -9.37 -0.87
N GLY C 20 -4.39 -10.53 -0.26
CA GLY C 20 -4.59 -10.53 1.18
C GLY C 20 -4.26 -11.77 1.97
N THR C 21 -5.23 -12.24 2.75
CA THR C 21 -5.05 -13.42 3.61
C THR C 21 -4.35 -14.63 2.97
N GLY C 22 -4.87 -15.11 1.85
CA GLY C 22 -4.25 -16.24 1.18
C GLY C 22 -4.77 -17.63 1.52
N SER C 23 -5.97 -17.71 2.08
CA SER C 23 -6.51 -19.03 2.42
C SER C 23 -6.75 -19.90 1.18
N ASN C 24 -7.18 -19.31 0.07
CA ASN C 24 -7.36 -20.12 -1.14
C ASN C 24 -5.99 -20.63 -1.61
N LEU C 25 -5.00 -19.75 -1.52
CA LEU C 25 -3.64 -20.09 -1.91
C LEU C 25 -3.18 -21.35 -1.16
N GLN C 26 -3.34 -21.31 0.16
CA GLN C 26 -2.94 -22.43 1.01
C GLN C 26 -3.64 -23.70 0.59
N ALA C 27 -4.95 -23.59 0.37
CA ALA C 27 -5.76 -24.73 -0.03
C ALA C 27 -5.29 -25.23 -1.40
N LEU C 28 -4.78 -24.33 -2.23
CA LEU C 28 -4.28 -24.73 -3.54
C LEU C 28 -2.89 -25.34 -3.34
N ILE C 29 -2.12 -24.82 -2.40
CA ILE C 29 -0.80 -25.38 -2.15
C ILE C 29 -0.99 -26.82 -1.71
N ASP C 30 -1.89 -27.01 -0.76
CA ASP C 30 -2.18 -28.34 -0.24
C ASP C 30 -2.63 -29.32 -1.31
N SER C 31 -3.55 -28.92 -2.19
CA SER C 31 -3.99 -29.87 -3.20
C SER C 31 -2.84 -30.21 -4.16
N THR C 32 -1.90 -29.27 -4.32
CA THR C 32 -0.75 -29.48 -5.19
C THR C 32 0.23 -30.46 -4.56
N ARG C 33 0.34 -30.41 -3.23
CA ARG C 33 1.23 -31.29 -2.50
C ARG C 33 0.77 -32.74 -2.54
N GLU C 34 -0.44 -32.96 -3.05
CA GLU C 34 -1.02 -34.29 -3.17
C GLU C 34 -0.35 -35.08 -4.29
N PRO C 35 -0.42 -36.42 -4.22
CA PRO C 35 0.17 -37.26 -5.26
C PRO C 35 -0.94 -37.31 -6.31
N ASN C 36 -0.58 -37.36 -7.59
CA ASN C 36 -1.58 -37.39 -8.66
C ASN C 36 -2.01 -35.98 -9.03
N SER C 37 -1.49 -34.98 -8.31
CA SER C 37 -1.82 -33.60 -8.64
C SER C 37 -1.07 -33.38 -9.94
N SER C 38 -1.70 -32.76 -10.92
CA SER C 38 -1.02 -32.55 -12.19
C SER C 38 -0.49 -31.14 -12.35
N ALA C 39 -0.28 -30.45 -11.24
CA ALA C 39 0.23 -29.09 -11.31
C ALA C 39 1.03 -28.72 -10.07
N GLN C 40 1.87 -27.70 -10.21
CA GLN C 40 2.64 -27.22 -9.06
C GLN C 40 2.71 -25.69 -9.06
N ILE C 41 2.71 -25.11 -7.87
CA ILE C 41 2.77 -23.67 -7.74
C ILE C 41 4.24 -23.23 -7.69
N ASP C 42 4.67 -22.47 -8.69
CA ASP C 42 6.06 -22.00 -8.74
C ASP C 42 6.26 -20.58 -8.24
N ILE C 43 5.20 -19.78 -8.24
CA ILE C 43 5.35 -18.39 -7.82
C ILE C 43 4.06 -17.79 -7.26
N VAL C 44 4.18 -16.97 -6.23
CA VAL C 44 3.04 -16.30 -5.65
C VAL C 44 3.31 -14.80 -5.73
N ILE C 45 2.45 -14.10 -6.47
CA ILE C 45 2.58 -12.67 -6.66
C ILE C 45 1.47 -11.91 -5.92
N SER C 46 1.85 -10.88 -5.19
CA SER C 46 0.88 -10.07 -4.48
C SER C 46 1.02 -8.66 -4.99
N ASN C 47 -0.09 -7.95 -5.17
CA ASN C 47 0.01 -6.56 -5.64
C ASN C 47 0.11 -5.69 -4.39
N LYS C 48 0.03 -6.32 -3.23
CA LYS C 48 0.07 -5.59 -1.99
C LYS C 48 1.13 -6.13 -1.04
N ALA C 49 1.95 -5.22 -0.53
CA ALA C 49 3.03 -5.59 0.39
C ALA C 49 2.59 -6.07 1.77
N ALA C 50 3.46 -6.88 2.37
CA ALA C 50 3.27 -7.42 3.71
C ALA C 50 2.04 -8.21 4.07
N VAL C 51 1.29 -8.74 3.09
CA VAL C 51 0.09 -9.49 3.45
C VAL C 51 0.39 -10.93 3.86
N ALA C 52 -0.48 -11.49 4.71
CA ALA C 52 -0.32 -12.84 5.23
C ALA C 52 -0.15 -13.94 4.18
N GLY C 53 -0.75 -13.76 3.00
CA GLY C 53 -0.62 -14.77 1.97
C GLY C 53 0.84 -15.00 1.60
N LEU C 54 1.62 -13.94 1.70
CA LEU C 54 3.04 -13.99 1.41
C LEU C 54 3.76 -14.90 2.40
N ASP C 55 3.41 -14.80 3.67
CA ASP C 55 4.02 -15.62 4.69
C ASP C 55 3.70 -17.09 4.39
N LYS C 56 2.43 -17.38 4.12
CA LYS C 56 2.04 -18.75 3.78
C LYS C 56 2.85 -19.28 2.58
N ALA C 57 3.00 -18.49 1.53
CA ALA C 57 3.76 -18.97 0.38
C ALA C 57 5.22 -19.25 0.77
N GLU C 58 5.80 -18.30 1.48
CA GLU C 58 7.19 -18.41 1.91
C GLU C 58 7.43 -19.58 2.85
N ARG C 59 6.48 -19.87 3.73
CA ARG C 59 6.62 -21.01 4.63
C ARG C 59 6.61 -22.29 3.79
N ALA C 60 5.74 -22.31 2.77
CA ALA C 60 5.64 -23.48 1.89
C ALA C 60 6.85 -23.56 0.96
N GLY C 61 7.78 -22.63 1.13
CA GLY C 61 8.97 -22.60 0.30
C GLY C 61 8.75 -22.10 -1.12
N ILE C 62 7.63 -21.43 -1.37
CA ILE C 62 7.37 -20.91 -2.71
C ILE C 62 7.89 -19.49 -2.90
N PRO C 63 8.54 -19.19 -4.04
CA PRO C 63 9.04 -17.81 -4.24
C PRO C 63 7.89 -16.80 -4.25
N THR C 64 8.13 -15.58 -3.76
CA THR C 64 7.11 -14.54 -3.74
C THR C 64 7.63 -13.25 -4.35
N ARG C 65 6.73 -12.52 -4.99
CA ARG C 65 7.05 -11.23 -5.56
C ARG C 65 5.92 -10.31 -5.20
N VAL C 66 6.26 -9.10 -4.81
CA VAL C 66 5.24 -8.12 -4.50
C VAL C 66 5.40 -7.11 -5.62
N ILE C 67 4.32 -6.87 -6.36
CA ILE C 67 4.33 -5.89 -7.45
C ILE C 67 3.27 -4.88 -7.06
N ASN C 68 3.71 -3.81 -6.39
CA ASN C 68 2.82 -2.77 -5.90
C ASN C 68 2.20 -2.00 -7.06
N HIS C 69 0.90 -2.19 -7.28
CA HIS C 69 0.22 -1.54 -8.40
C HIS C 69 0.30 -0.03 -8.36
N LYS C 70 0.41 0.55 -7.18
CA LYS C 70 0.49 2.01 -7.07
C LYS C 70 1.76 2.62 -7.68
N LEU C 71 2.72 1.78 -8.07
CA LEU C 71 3.95 2.30 -8.65
C LEU C 71 3.85 2.41 -10.17
N TYR C 72 2.67 2.14 -10.71
CA TYR C 72 2.46 2.19 -12.15
C TYR C 72 1.44 3.25 -12.57
N LYS C 73 1.60 3.77 -13.78
CA LYS C 73 0.69 4.79 -14.28
C LYS C 73 -0.70 4.24 -14.56
N ASN C 74 -0.76 3.02 -15.10
CA ASN C 74 -2.04 2.41 -15.43
C ASN C 74 -1.99 0.90 -15.36
N ARG C 75 -3.11 0.31 -15.74
CA ARG C 75 -3.31 -1.11 -15.74
C ARG C 75 -2.41 -1.87 -16.71
N VAL C 76 -2.13 -1.27 -17.86
CA VAL C 76 -1.27 -1.91 -18.85
C VAL C 76 0.13 -2.09 -18.29
N GLU C 77 0.69 -1.01 -17.74
CA GLU C 77 2.04 -1.06 -17.17
C GLU C 77 2.10 -2.06 -16.03
N PHE C 78 1.06 -2.10 -15.20
CA PHE C 78 1.02 -3.00 -14.07
C PHE C 78 0.92 -4.46 -14.54
N ASP C 79 0.05 -4.70 -15.51
CA ASP C 79 -0.12 -6.05 -16.04
C ASP C 79 1.15 -6.56 -16.70
N SER C 80 1.87 -5.65 -17.36
CA SER C 80 3.12 -5.99 -18.03
C SER C 80 4.16 -6.41 -17.00
N ALA C 81 4.24 -5.68 -15.90
CA ALA C 81 5.16 -6.01 -14.84
C ALA C 81 4.85 -7.42 -14.37
N ILE C 82 3.55 -7.72 -14.24
CA ILE C 82 3.13 -9.05 -13.81
C ILE C 82 3.60 -10.08 -14.85
N ASP C 83 3.26 -9.81 -16.11
CA ASP C 83 3.59 -10.72 -17.19
C ASP C 83 5.08 -11.04 -17.32
N LEU C 84 5.95 -10.09 -16.98
CA LEU C 84 7.39 -10.32 -17.04
C LEU C 84 7.78 -11.40 -16.05
N VAL C 85 7.12 -11.40 -14.90
CA VAL C 85 7.41 -12.39 -13.90
C VAL C 85 6.80 -13.74 -14.25
N LEU C 86 5.63 -13.73 -14.88
CA LEU C 86 4.99 -14.98 -15.25
C LEU C 86 5.82 -15.70 -16.32
N GLU C 87 6.33 -14.95 -17.28
CA GLU C 87 7.16 -15.54 -18.35
C GLU C 87 8.49 -15.98 -17.75
N GLU C 88 8.97 -15.18 -16.81
CA GLU C 88 10.23 -15.43 -16.11
C GLU C 88 10.19 -16.78 -15.43
N PHE C 89 9.02 -17.15 -14.92
CA PHE C 89 8.88 -18.43 -14.25
C PHE C 89 8.24 -19.51 -15.12
N SER C 90 8.18 -19.27 -16.43
CA SER C 90 7.61 -20.21 -17.37
C SER C 90 6.22 -20.66 -16.94
N ILE C 91 5.43 -19.74 -16.38
CA ILE C 91 4.08 -20.11 -15.90
C ILE C 91 3.09 -20.61 -16.96
N ASP C 92 2.38 -21.69 -16.62
CA ASP C 92 1.39 -22.31 -17.51
C ASP C 92 -0.01 -21.80 -17.21
N ILE C 93 -0.37 -21.84 -15.93
CA ILE C 93 -1.68 -21.41 -15.50
C ILE C 93 -1.62 -20.39 -14.38
N VAL C 94 -2.48 -19.38 -14.50
CA VAL C 94 -2.54 -18.32 -13.51
C VAL C 94 -3.83 -18.47 -12.72
N CYS C 95 -3.71 -18.45 -11.40
CA CYS C 95 -4.87 -18.55 -10.52
C CYS C 95 -5.04 -17.24 -9.75
N LEU C 96 -6.18 -16.58 -9.94
CA LEU C 96 -6.42 -15.35 -9.21
C LEU C 96 -7.14 -15.74 -7.93
N ALA C 97 -6.44 -15.64 -6.80
CA ALA C 97 -7.01 -16.01 -5.50
C ALA C 97 -7.05 -14.84 -4.50
N GLY C 98 -8.12 -14.08 -4.56
CA GLY C 98 -8.24 -12.91 -3.70
C GLY C 98 -7.46 -11.77 -4.30
N PHE C 99 -7.19 -11.86 -5.62
CA PHE C 99 -6.47 -10.81 -6.31
C PHE C 99 -7.53 -9.75 -6.62
N MET C 100 -7.40 -8.57 -6.02
CA MET C 100 -8.41 -7.52 -6.20
C MET C 100 -8.22 -6.46 -7.30
N ARG C 101 -7.42 -6.75 -8.32
CA ARG C 101 -7.21 -5.78 -9.40
C ARG C 101 -7.96 -6.23 -10.63
N ILE C 102 -8.31 -5.27 -11.49
CA ILE C 102 -8.98 -5.63 -12.74
C ILE C 102 -7.84 -5.69 -13.74
N LEU C 103 -7.72 -6.79 -14.46
CA LEU C 103 -6.66 -6.96 -15.43
C LEU C 103 -7.01 -6.29 -16.76
N SER C 104 -5.99 -5.85 -17.49
CA SER C 104 -6.20 -5.21 -18.79
C SER C 104 -6.63 -6.24 -19.83
N GLY C 105 -7.33 -5.78 -20.86
CA GLY C 105 -7.80 -6.67 -21.90
C GLY C 105 -6.72 -7.50 -22.57
N PRO C 106 -5.61 -6.89 -23.02
CA PRO C 106 -4.54 -7.62 -23.69
C PRO C 106 -3.94 -8.70 -22.79
N PHE C 107 -3.88 -8.45 -21.49
CA PHE C 107 -3.35 -9.43 -20.55
C PHE C 107 -4.36 -10.57 -20.43
N VAL C 108 -5.65 -10.26 -20.32
CA VAL C 108 -6.64 -11.32 -20.22
C VAL C 108 -6.61 -12.17 -21.50
N GLN C 109 -6.47 -11.50 -22.65
CA GLN C 109 -6.40 -12.21 -23.93
C GLN C 109 -5.20 -13.14 -23.99
N LYS C 110 -4.05 -12.64 -23.55
CA LYS C 110 -2.84 -13.45 -23.57
C LYS C 110 -3.03 -14.74 -22.77
N TRP C 111 -3.71 -14.63 -21.63
CA TRP C 111 -3.91 -15.77 -20.79
C TRP C 111 -5.25 -16.46 -20.97
N ASN C 112 -5.91 -16.14 -22.08
CA ASN C 112 -7.21 -16.73 -22.35
C ASN C 112 -7.17 -18.24 -22.22
N GLY C 113 -8.09 -18.76 -21.42
CA GLY C 113 -8.16 -20.20 -21.22
C GLY C 113 -7.10 -20.75 -20.27
N LYS C 114 -6.24 -19.89 -19.75
CA LYS C 114 -5.21 -20.33 -18.83
C LYS C 114 -5.23 -19.56 -17.50
N MET C 115 -6.30 -18.80 -17.27
CA MET C 115 -6.41 -18.01 -16.06
C MET C 115 -7.75 -18.25 -15.35
N LEU C 116 -7.68 -18.75 -14.12
CA LEU C 116 -8.87 -19.03 -13.34
C LEU C 116 -9.04 -18.03 -12.22
N ASN C 117 -10.30 -17.78 -11.86
CA ASN C 117 -10.63 -16.82 -10.82
C ASN C 117 -11.68 -17.38 -9.89
N ILE C 118 -11.60 -17.03 -8.62
CA ILE C 118 -12.62 -17.49 -7.71
C ILE C 118 -13.39 -16.26 -7.26
N HIS C 119 -14.71 -16.41 -7.16
CA HIS C 119 -15.61 -15.35 -6.73
C HIS C 119 -16.57 -15.91 -5.67
N PRO C 120 -16.71 -15.19 -4.55
CA PRO C 120 -17.58 -15.58 -3.43
C PRO C 120 -19.09 -15.43 -3.58
N SER C 121 -19.63 -15.83 -4.72
CA SER C 121 -21.06 -15.77 -4.97
C SER C 121 -21.36 -16.76 -6.08
N LEU C 122 -22.63 -17.04 -6.31
CA LEU C 122 -23.02 -17.91 -7.40
C LEU C 122 -23.28 -16.95 -8.56
N LEU C 123 -22.24 -16.70 -9.34
CA LEU C 123 -22.36 -15.81 -10.47
C LEU C 123 -23.52 -16.37 -11.30
N PRO C 124 -24.21 -15.51 -12.06
CA PRO C 124 -23.96 -14.09 -12.18
C PRO C 124 -24.42 -13.19 -11.04
N SER C 125 -24.87 -13.78 -9.94
CA SER C 125 -25.30 -12.95 -8.80
C SER C 125 -24.11 -12.29 -8.10
N PHE C 126 -24.38 -11.12 -7.55
CA PHE C 126 -23.44 -10.33 -6.78
C PHE C 126 -22.05 -10.14 -7.37
N LYS C 127 -21.96 -9.62 -8.58
CA LYS C 127 -20.65 -9.38 -9.19
C LYS C 127 -19.98 -8.26 -8.39
N GLY C 128 -18.69 -8.05 -8.64
CA GLY C 128 -17.97 -6.98 -7.95
C GLY C 128 -17.55 -7.36 -6.54
N SER C 129 -17.07 -6.39 -5.77
CA SER C 129 -16.62 -6.69 -4.41
C SER C 129 -17.70 -6.71 -3.32
N ASN C 130 -17.36 -7.33 -2.20
CA ASN C 130 -18.26 -7.44 -1.06
C ASN C 130 -19.51 -8.26 -1.42
N ALA C 131 -19.31 -9.33 -2.17
CA ALA C 131 -20.42 -10.18 -2.57
C ALA C 131 -21.20 -10.60 -1.34
N HIS C 132 -20.48 -10.97 -0.28
CA HIS C 132 -21.16 -11.38 0.94
C HIS C 132 -22.09 -10.29 1.50
N GLU C 133 -21.64 -9.04 1.41
CA GLU C 133 -22.44 -7.93 1.88
C GLU C 133 -23.66 -7.76 0.99
N GLN C 134 -23.49 -8.00 -0.31
CA GLN C 134 -24.60 -7.88 -1.25
C GLN C 134 -25.60 -8.97 -0.89
N ALA C 135 -25.12 -10.19 -0.72
CA ALA C 135 -25.97 -11.30 -0.39
C ALA C 135 -26.77 -11.09 0.91
N LEU C 136 -26.13 -10.54 1.93
CA LEU C 136 -26.79 -10.31 3.20
C LEU C 136 -27.80 -9.19 3.13
N GLU C 137 -27.48 -8.14 2.39
CA GLU C 137 -28.37 -6.99 2.27
C GLU C 137 -29.60 -7.36 1.45
N THR C 138 -29.40 -8.25 0.49
CA THR C 138 -30.43 -8.71 -0.43
C THR C 138 -31.41 -9.68 0.25
N GLY C 139 -30.88 -10.61 1.02
CA GLY C 139 -31.75 -11.54 1.71
C GLY C 139 -31.83 -12.94 1.16
N VAL C 140 -30.89 -13.34 0.31
CA VAL C 140 -30.93 -14.70 -0.22
C VAL C 140 -30.70 -15.68 0.91
N THR C 141 -31.16 -16.92 0.72
CA THR C 141 -30.96 -17.94 1.72
C THR C 141 -29.94 -18.89 1.11
N VAL C 142 -29.57 -18.60 -0.12
CA VAL C 142 -28.56 -19.42 -0.79
C VAL C 142 -27.58 -18.57 -1.58
N THR C 143 -26.30 -18.82 -1.35
CA THR C 143 -25.26 -18.15 -2.08
C THR C 143 -24.27 -19.26 -2.34
N GLY C 144 -22.99 -18.92 -2.51
CA GLY C 144 -22.01 -19.94 -2.77
C GLY C 144 -20.80 -19.30 -3.39
N CYS C 145 -20.08 -20.05 -4.22
CA CYS C 145 -18.89 -19.54 -4.86
C CYS C 145 -18.74 -20.17 -6.23
N THR C 146 -17.98 -19.51 -7.09
CA THR C 146 -17.75 -20.02 -8.42
C THR C 146 -16.32 -19.74 -8.91
N VAL C 147 -15.77 -20.71 -9.62
CA VAL C 147 -14.44 -20.61 -10.20
C VAL C 147 -14.74 -20.51 -11.67
N HIS C 148 -14.07 -19.60 -12.36
CA HIS C 148 -14.32 -19.42 -13.77
C HIS C 148 -13.09 -18.90 -14.49
N PHE C 149 -13.05 -19.09 -15.80
CA PHE C 149 -11.97 -18.58 -16.62
C PHE C 149 -12.26 -17.08 -16.67
N VAL C 150 -11.19 -16.28 -16.69
CA VAL C 150 -11.31 -14.83 -16.76
C VAL C 150 -11.43 -14.46 -18.23
N ALA C 151 -12.45 -13.66 -18.58
CA ALA C 151 -12.66 -13.24 -19.97
C ALA C 151 -12.65 -11.72 -20.12
N GLU C 152 -12.50 -11.24 -21.35
CA GLU C 152 -12.44 -9.79 -21.58
C GLU C 152 -13.61 -9.02 -21.02
N ASP C 153 -14.82 -9.43 -21.34
CA ASP C 153 -15.99 -8.75 -20.79
C ASP C 153 -16.29 -9.54 -19.52
N VAL C 154 -16.05 -8.90 -18.38
CA VAL C 154 -16.25 -9.52 -17.08
C VAL C 154 -17.65 -10.14 -16.86
N ASP C 155 -18.37 -10.39 -17.95
CA ASP C 155 -19.69 -10.99 -17.87
C ASP C 155 -19.76 -12.35 -18.56
N ALA C 156 -18.78 -12.64 -19.42
CA ALA C 156 -18.78 -13.89 -20.15
C ALA C 156 -17.79 -14.92 -19.61
N GLY C 157 -17.22 -14.66 -18.43
CA GLY C 157 -16.28 -15.60 -17.85
C GLY C 157 -16.90 -16.99 -17.82
N GLN C 158 -16.31 -17.94 -18.52
CA GLN C 158 -16.87 -19.28 -18.54
C GLN C 158 -16.69 -19.98 -17.20
N ILE C 159 -17.82 -20.35 -16.61
CA ILE C 159 -17.86 -21.01 -15.32
C ILE C 159 -17.38 -22.45 -15.38
N ILE C 160 -16.53 -22.82 -14.43
CA ILE C 160 -15.98 -24.17 -14.36
C ILE C 160 -16.67 -25.01 -13.28
N LEU C 161 -16.80 -24.46 -12.08
CA LEU C 161 -17.41 -25.17 -10.97
C LEU C 161 -18.08 -24.15 -10.08
N GLN C 162 -19.11 -24.60 -9.37
CA GLN C 162 -19.84 -23.74 -8.45
C GLN C 162 -20.31 -24.64 -7.32
N GLU C 163 -20.50 -24.05 -6.15
CA GLU C 163 -20.99 -24.77 -4.99
C GLU C 163 -21.92 -23.85 -4.23
N ALA C 164 -23.15 -24.32 -4.03
CA ALA C 164 -24.11 -23.52 -3.32
C ALA C 164 -23.74 -23.63 -1.86
N VAL C 165 -24.03 -22.56 -1.12
CA VAL C 165 -23.74 -22.53 0.31
C VAL C 165 -24.89 -21.85 1.00
N PRO C 166 -25.44 -22.51 2.03
CA PRO C 166 -26.57 -21.95 2.76
C PRO C 166 -26.23 -20.67 3.51
N VAL C 167 -27.16 -19.72 3.51
CA VAL C 167 -26.97 -18.48 4.24
C VAL C 167 -27.84 -18.72 5.47
N LYS C 168 -27.25 -18.57 6.65
CA LYS C 168 -28.03 -18.76 7.87
C LYS C 168 -28.61 -17.45 8.35
N ARG C 169 -29.78 -17.53 8.95
CA ARG C 169 -30.42 -16.34 9.50
C ARG C 169 -29.50 -15.97 10.65
N GLY C 170 -29.22 -14.69 10.82
CA GLY C 170 -28.33 -14.31 11.90
C GLY C 170 -26.87 -14.40 11.47
N ASP C 171 -26.63 -14.49 10.17
CA ASP C 171 -25.26 -14.52 9.66
C ASP C 171 -24.72 -13.11 9.61
N THR C 172 -23.42 -12.96 9.86
CA THR C 172 -22.76 -11.67 9.77
C THR C 172 -21.89 -11.86 8.53
N VAL C 173 -21.34 -10.79 7.96
CA VAL C 173 -20.50 -10.99 6.79
C VAL C 173 -19.33 -11.90 7.17
N ALA C 174 -18.94 -11.89 8.45
CA ALA C 174 -17.85 -12.75 8.87
C ALA C 174 -18.22 -14.24 8.81
N THR C 175 -19.30 -14.63 9.49
CA THR C 175 -19.68 -16.03 9.51
C THR C 175 -20.11 -16.57 8.15
N LEU C 176 -20.67 -15.73 7.30
CA LEU C 176 -21.07 -16.20 5.97
C LEU C 176 -19.80 -16.35 5.13
N SER C 177 -18.93 -15.36 5.25
CA SER C 177 -17.68 -15.35 4.50
C SER C 177 -16.83 -16.59 4.81
N GLU C 178 -16.71 -16.89 6.11
CA GLU C 178 -15.93 -18.04 6.54
C GLU C 178 -16.52 -19.34 5.98
N ARG C 179 -17.84 -19.46 5.99
CA ARG C 179 -18.51 -20.66 5.48
C ARG C 179 -18.27 -20.82 3.98
N VAL C 180 -18.36 -19.71 3.25
CA VAL C 180 -18.17 -19.79 1.81
C VAL C 180 -16.73 -20.16 1.47
N LYS C 181 -15.78 -19.67 2.25
CA LYS C 181 -14.37 -20.01 2.03
C LYS C 181 -14.17 -21.53 2.12
N LEU C 182 -14.90 -22.16 3.05
CA LEU C 182 -14.78 -23.60 3.20
C LEU C 182 -15.16 -24.27 1.87
N ALA C 183 -16.15 -23.71 1.18
CA ALA C 183 -16.55 -24.27 -0.11
C ALA C 183 -15.54 -23.86 -1.20
N GLU C 184 -15.01 -22.65 -1.10
CA GLU C 184 -14.02 -22.16 -2.06
C GLU C 184 -12.76 -23.03 -2.04
N HIS C 185 -12.34 -23.38 -0.84
CA HIS C 185 -11.13 -24.20 -0.66
C HIS C 185 -11.27 -25.58 -1.29
N LYS C 186 -12.50 -25.93 -1.68
CA LYS C 186 -12.78 -27.21 -2.31
C LYS C 186 -12.81 -27.13 -3.82
N ILE C 187 -13.65 -26.26 -4.35
CA ILE C 187 -13.78 -26.15 -5.81
C ILE C 187 -12.63 -25.52 -6.56
N PHE C 188 -11.84 -24.67 -5.89
CA PHE C 188 -10.71 -24.03 -6.60
C PHE C 188 -9.62 -25.08 -6.83
N PRO C 189 -9.24 -25.84 -5.81
CA PRO C 189 -8.21 -26.86 -6.06
C PRO C 189 -8.69 -27.82 -7.16
N ALA C 190 -9.92 -28.29 -7.03
CA ALA C 190 -10.52 -29.20 -8.00
C ALA C 190 -10.56 -28.59 -9.40
N ALA C 191 -10.91 -27.31 -9.49
CA ALA C 191 -10.96 -26.67 -10.79
C ALA C 191 -9.56 -26.55 -11.40
N LEU C 192 -8.56 -26.30 -10.57
CA LEU C 192 -7.19 -26.20 -11.07
C LEU C 192 -6.82 -27.56 -11.62
N GLN C 193 -7.08 -28.60 -10.82
CA GLN C 193 -6.78 -29.96 -11.25
C GLN C 193 -7.44 -30.29 -12.60
N LEU C 194 -8.69 -29.84 -12.77
CA LEU C 194 -9.41 -30.10 -14.01
C LEU C 194 -8.77 -29.41 -15.19
N VAL C 195 -8.37 -28.16 -15.01
CA VAL C 195 -7.79 -27.42 -16.10
C VAL C 195 -6.37 -27.89 -16.41
N ALA C 196 -5.62 -28.22 -15.36
CA ALA C 196 -4.26 -28.70 -15.51
C ALA C 196 -4.20 -30.07 -16.19
N SER C 197 -5.06 -30.97 -15.74
CA SER C 197 -5.12 -32.33 -16.29
C SER C 197 -5.68 -32.33 -17.71
N GLY C 198 -6.21 -31.18 -18.12
CA GLY C 198 -6.79 -31.06 -19.46
C GLY C 198 -8.22 -31.57 -19.51
N THR C 199 -8.76 -31.99 -18.37
CA THR C 199 -10.13 -32.48 -18.32
C THR C 199 -11.08 -31.39 -18.82
N VAL C 200 -10.80 -30.15 -18.46
CA VAL C 200 -11.61 -29.01 -18.88
C VAL C 200 -10.78 -28.04 -19.71
N GLN C 201 -11.38 -27.53 -20.79
CA GLN C 201 -10.72 -26.59 -21.69
C GLN C 201 -11.69 -25.56 -22.23
N LEU C 202 -11.16 -24.55 -22.89
CA LEU C 202 -12.00 -23.54 -23.52
C LEU C 202 -11.99 -23.93 -24.98
N GLY C 203 -13.17 -24.14 -25.55
CA GLY C 203 -13.24 -24.52 -26.94
C GLY C 203 -13.01 -23.37 -27.88
N GLU C 204 -13.08 -23.63 -29.18
CA GLU C 204 -12.88 -22.59 -30.19
C GLU C 204 -14.05 -21.62 -30.14
N ASN C 205 -15.22 -22.14 -29.78
CA ASN C 205 -16.44 -21.34 -29.66
C ASN C 205 -16.46 -20.55 -28.36
N GLY C 206 -15.30 -20.44 -27.73
CA GLY C 206 -15.17 -19.71 -26.47
C GLY C 206 -15.83 -20.36 -25.27
N LYS C 207 -16.59 -21.42 -25.48
CA LYS C 207 -17.28 -22.11 -24.39
C LYS C 207 -16.43 -23.20 -23.77
N ILE C 208 -16.71 -23.55 -22.52
CA ILE C 208 -15.94 -24.58 -21.84
C ILE C 208 -16.31 -25.94 -22.41
N CYS C 209 -15.34 -26.85 -22.38
CA CYS C 209 -15.51 -28.20 -22.90
C CYS C 209 -14.91 -29.22 -21.93
N TRP C 210 -15.65 -30.27 -21.63
CA TRP C 210 -15.13 -31.30 -20.74
C TRP C 210 -14.64 -32.50 -21.53
N VAL C 211 -14.55 -33.64 -20.86
CA VAL C 211 -14.08 -34.88 -21.50
C VAL C 211 -14.74 -36.11 -20.89
#